data_6C7S
#
_entry.id   6C7S
#
_cell.length_a   81.877
_cell.length_b   81.877
_cell.length_c   286.205
_cell.angle_alpha   90.000
_cell.angle_beta   90.000
_cell.angle_gamma   120.000
#
_symmetry.space_group_name_H-M   'P 65 2 2'
#
loop_
_entity.id
_entity.type
_entity.pdbx_description
1 polymer 'Putative rifampin monooxygenase'
2 non-polymer 'FLAVIN-ADENINE DINUCLEOTIDE'
3 non-polymer '(1E,3S,4R,5S,6R,7R,8R,9S,10S,11E,13E)-15-amino-1-{[(2S)-5,7-dihydroxy-2,4-dimethyl-8-{(E)-[(4-methylpiperazin-1-yl)imino]methyl}-1,6,9-trioxo-1,2,6,9-tetrahydronaphtho[2,1-b]furan-2-yl]oxy}-7,9-dihydroxy-3-methoxy-4,6,8,10,14-pentamethyl-15-oxopentadeca-1,11,13-trien-5-yl acetate'
4 non-polymer 'SULFATE ION'
5 non-polymer 1,2-ETHANEDIOL
6 water water
#
_entity_poly.entity_id   1
_entity_poly.type   'polypeptide(L)'
_entity_poly.pdbx_seq_one_letter_code
;GSHMIDVIIAGGGPTGLMLAGELRLHGVRTVVLEKEPTPNQHSRSRGLHARSIEVMDQRGLLERFLAHGEQFRVGGFFAG
LAAEWPADLDTAHSYVLAIPQVVTERLLTEHATELGAEIRRGCEVAGLDQDADGVTAELADGTRLRARYLVGCDGGRSTV
RRLLGVDFPGEPTRVETLLADVRIDVPVETLTAVVAEVRKTQLRFGAVPAGDGFFRLIVPAQGLSADRAAPTLDELKRCL
HATAGTDFGVHSPRWLSRFGDATRLAERYRTGRVLLAGDAAHIHPPTGGQGLNLGIQDAFNLGWKLAAAIGGWAPPDLLD
SYHDERHPVAAEVLDNTRAQMTLLSLDPGPRAVRRLMAELVEFPDVNRHLIEKITAIAVRYDLGDGHDLVGRRLRDIPLT
EGRLYERMRGGRGLLLDRTGRLSVSGWSDRVDHLADPGAALDVPAALLRPDGHVAWVGEDQDDLLAHLPRWFGAAT
;
_entity_poly.pdbx_strand_id   A
#
# COMPACT_ATOMS: atom_id res chain seq x y z
N MET A 4 28.44 -10.16 3.68
CA MET A 4 27.93 -8.83 3.93
C MET A 4 26.45 -8.71 3.60
N ILE A 5 25.73 -7.96 4.42
CA ILE A 5 24.32 -7.67 4.17
C ILE A 5 24.22 -6.64 3.05
N ASP A 6 23.36 -6.93 2.07
CA ASP A 6 23.14 -5.97 0.99
C ASP A 6 22.21 -4.85 1.43
N VAL A 7 21.05 -5.21 2.00
CA VAL A 7 20.03 -4.25 2.38
C VAL A 7 19.57 -4.56 3.80
N ILE A 8 19.50 -3.53 4.64
CA ILE A 8 18.84 -3.59 5.94
C ILE A 8 17.48 -2.92 5.80
N ILE A 9 16.43 -3.61 6.25
CA ILE A 9 15.08 -3.06 6.29
C ILE A 9 14.75 -2.79 7.75
N ALA A 10 14.48 -1.53 8.07
CA ALA A 10 14.05 -1.15 9.41
C ALA A 10 12.54 -1.22 9.47
N GLY A 11 12.02 -2.17 10.25
CA GLY A 11 10.59 -2.35 10.37
C GLY A 11 10.08 -3.56 9.63
N GLY A 12 9.33 -4.42 10.33
CA GLY A 12 8.81 -5.63 9.74
C GLY A 12 7.31 -5.61 9.52
N GLY A 13 6.77 -4.44 9.21
CA GLY A 13 5.39 -4.34 8.78
C GLY A 13 5.22 -4.82 7.36
N PRO A 14 3.99 -4.71 6.86
CA PRO A 14 3.71 -5.18 5.49
C PRO A 14 4.60 -4.56 4.44
N THR A 15 4.97 -3.28 4.59
CA THR A 15 5.86 -2.65 3.61
C THR A 15 7.23 -3.31 3.62
N GLY A 16 7.82 -3.46 4.81
CA GLY A 16 9.14 -4.07 4.89
C GLY A 16 9.12 -5.54 4.50
N LEU A 17 8.07 -6.26 4.91
CA LEU A 17 7.96 -7.68 4.54
C LEU A 17 7.79 -7.84 3.03
N MET A 18 6.95 -7.02 2.41
CA MET A 18 6.82 -7.05 0.96
C MET A 18 8.12 -6.65 0.28
N LEU A 19 8.82 -5.67 0.84
CA LEU A 19 10.11 -5.26 0.28
C LEU A 19 11.13 -6.39 0.37
N ALA A 20 11.17 -7.08 1.52
CA ALA A 20 12.09 -8.19 1.68
C ALA A 20 11.81 -9.28 0.66
N GLY A 21 10.53 -9.56 0.39
CA GLY A 21 10.20 -10.56 -0.61
C GLY A 21 10.70 -10.19 -1.99
N GLU A 22 10.50 -8.92 -2.38
CA GLU A 22 10.94 -8.48 -3.70
C GLU A 22 12.46 -8.50 -3.84
N LEU A 23 13.18 -8.21 -2.76
CA LEU A 23 14.64 -8.25 -2.83
C LEU A 23 15.15 -9.68 -2.88
N ARG A 24 14.56 -10.58 -2.09
CA ARG A 24 15.01 -11.97 -2.07
C ARG A 24 14.77 -12.69 -3.39
N LEU A 25 13.85 -12.18 -4.23
CA LEU A 25 13.65 -12.76 -5.55
C LEU A 25 14.91 -12.67 -6.42
N HIS A 26 15.85 -11.79 -6.07
CA HIS A 26 17.03 -11.55 -6.86
C HIS A 26 18.32 -11.86 -6.10
N GLY A 27 18.23 -12.64 -5.02
CA GLY A 27 19.41 -13.03 -4.26
C GLY A 27 19.93 -11.98 -3.31
N VAL A 28 19.27 -10.84 -3.19
CA VAL A 28 19.75 -9.78 -2.31
C VAL A 28 19.74 -10.26 -0.86
N ARG A 29 20.90 -10.20 -0.21
CA ARG A 29 20.98 -10.53 1.21
C ARG A 29 20.24 -9.47 2.02
N THR A 30 19.17 -9.87 2.67
CA THR A 30 18.21 -8.92 3.25
C THR A 30 17.98 -9.26 4.70
N VAL A 31 18.20 -8.28 5.59
CA VAL A 31 17.93 -8.42 7.01
C VAL A 31 16.86 -7.42 7.38
N VAL A 32 15.77 -7.90 7.96
CA VAL A 32 14.68 -7.06 8.46
C VAL A 32 14.85 -6.92 9.96
N LEU A 33 14.96 -5.68 10.43
CA LEU A 33 15.09 -5.38 11.84
C LEU A 33 13.72 -4.90 12.34
N GLU A 34 12.99 -5.79 13.01
CA GLU A 34 11.68 -5.48 13.56
C GLU A 34 11.78 -5.27 15.06
N LYS A 35 11.28 -4.12 15.53
CA LYS A 35 11.48 -3.73 16.92
C LYS A 35 10.63 -4.58 17.88
N GLU A 36 9.44 -5.03 17.45
CA GLU A 36 8.58 -5.75 18.37
C GLU A 36 9.04 -7.20 18.51
N PRO A 37 9.08 -7.73 19.74
CA PRO A 37 9.54 -9.13 19.92
C PRO A 37 8.58 -10.16 19.34
N THR A 38 7.28 -9.90 19.37
CA THR A 38 6.27 -10.80 18.83
C THR A 38 5.35 -10.02 17.90
N PRO A 39 4.75 -10.69 16.92
CA PRO A 39 3.91 -9.98 15.95
C PRO A 39 2.73 -9.28 16.64
N ASN A 40 2.40 -8.10 16.11
CA ASN A 40 1.23 -7.37 16.59
C ASN A 40 -0.03 -8.15 16.25
N GLN A 41 -0.87 -8.37 17.25
CA GLN A 41 -2.11 -9.13 17.07
C GLN A 41 -3.32 -8.23 16.83
N HIS A 42 -3.13 -6.92 16.79
CA HIS A 42 -4.21 -5.98 16.50
C HIS A 42 -4.16 -5.58 15.04
N SER A 43 -5.28 -5.75 14.33
CA SER A 43 -5.38 -5.42 12.92
C SER A 43 -5.96 -4.02 12.74
N ARG A 44 -5.33 -3.22 11.90
CA ARG A 44 -5.91 -1.97 11.44
C ARG A 44 -6.62 -2.17 10.11
N SER A 45 -5.89 -2.60 9.10
CA SER A 45 -6.47 -2.86 7.79
C SER A 45 -7.40 -4.07 7.85
N ARG A 46 -8.40 -4.07 6.97
CA ARG A 46 -9.35 -5.16 6.89
C ARG A 46 -9.35 -5.83 5.52
N GLY A 47 -8.41 -5.49 4.65
CA GLY A 47 -8.30 -6.18 3.38
C GLY A 47 -7.34 -5.52 2.43
N LEU A 48 -7.41 -5.97 1.17
CA LEU A 48 -6.58 -5.49 0.08
C LEU A 48 -7.45 -4.98 -1.06
N HIS A 49 -7.00 -3.93 -1.73
CA HIS A 49 -7.71 -3.43 -2.90
C HIS A 49 -7.13 -4.05 -4.18
N ALA A 50 -7.74 -3.72 -5.31
CA ALA A 50 -7.53 -4.48 -6.54
C ALA A 50 -6.07 -4.49 -6.97
N ARG A 51 -5.39 -3.34 -6.92
CA ARG A 51 -4.01 -3.29 -7.38
C ARG A 51 -3.10 -4.15 -6.51
N SER A 52 -3.31 -4.13 -5.19
CA SER A 52 -2.54 -5.02 -4.32
C SER A 52 -2.85 -6.48 -4.59
N ILE A 53 -4.12 -6.78 -4.91
CA ILE A 53 -4.50 -8.15 -5.24
C ILE A 53 -3.78 -8.60 -6.51
N GLU A 54 -3.74 -7.74 -7.52
CA GLU A 54 -2.98 -8.04 -8.74
C GLU A 54 -1.52 -8.27 -8.42
N VAL A 55 -0.93 -7.40 -7.59
CA VAL A 55 0.48 -7.52 -7.25
C VAL A 55 0.79 -8.88 -6.63
N MET A 56 -0.08 -9.35 -5.72
CA MET A 56 0.10 -10.68 -5.16
C MET A 56 0.03 -11.75 -6.24
N ASP A 57 -0.88 -11.58 -7.21
CA ASP A 57 -1.00 -12.56 -8.27
C ASP A 57 0.20 -12.55 -9.20
N GLN A 58 0.77 -11.37 -9.45
CA GLN A 58 2.00 -11.28 -10.24
C GLN A 58 3.15 -12.03 -9.59
N ARG A 59 3.12 -12.18 -8.26
CA ARG A 59 4.16 -12.87 -7.52
C ARG A 59 3.73 -14.25 -7.04
N GLY A 60 2.59 -14.75 -7.51
CA GLY A 60 2.16 -16.09 -7.15
C GLY A 60 1.59 -16.24 -5.77
N LEU A 61 1.30 -15.14 -5.07
CA LEU A 61 0.83 -15.19 -3.69
C LEU A 61 -0.69 -15.07 -3.56
N LEU A 62 -1.41 -14.89 -4.67
CA LEU A 62 -2.85 -14.64 -4.58
C LEU A 62 -3.61 -15.84 -4.03
N GLU A 63 -3.20 -17.05 -4.41
CA GLU A 63 -3.91 -18.25 -3.98
C GLU A 63 -3.93 -18.36 -2.47
N ARG A 64 -2.79 -18.15 -1.83
CA ARG A 64 -2.74 -18.24 -0.37
C ARG A 64 -3.44 -17.07 0.30
N PHE A 65 -3.48 -15.91 -0.36
CA PHE A 65 -4.26 -14.79 0.17
C PHE A 65 -5.76 -15.05 0.04
N LEU A 66 -6.20 -15.59 -1.09
CA LEU A 66 -7.61 -15.94 -1.25
C LEU A 66 -8.04 -17.04 -0.29
N ALA A 67 -7.13 -17.96 0.05
CA ALA A 67 -7.44 -19.01 1.00
C ALA A 67 -7.59 -18.51 2.44
N HIS A 68 -7.16 -17.28 2.72
CA HIS A 68 -7.26 -16.70 4.06
C HIS A 68 -8.12 -15.45 4.08
N GLY A 69 -8.91 -15.21 3.02
CA GLY A 69 -9.75 -14.04 2.94
C GLY A 69 -11.03 -14.34 2.19
N GLU A 70 -11.90 -13.33 2.11
CA GLU A 70 -13.18 -13.44 1.46
C GLU A 70 -13.34 -12.30 0.47
N GLN A 71 -13.78 -12.63 -0.74
CA GLN A 71 -13.94 -11.63 -1.79
C GLN A 71 -15.27 -10.89 -1.62
N PHE A 72 -15.22 -9.57 -1.78
CA PHE A 72 -16.38 -8.71 -1.65
C PHE A 72 -16.48 -7.78 -2.85
N ARG A 73 -17.70 -7.53 -3.30
CA ARG A 73 -18.00 -6.58 -4.39
CA ARG A 73 -18.00 -6.58 -4.39
C ARG A 73 -19.12 -5.67 -3.89
N VAL A 74 -18.76 -4.71 -3.03
CA VAL A 74 -19.71 -3.79 -2.43
C VAL A 74 -19.21 -2.37 -2.61
N GLY A 75 -20.13 -1.42 -2.42
CA GLY A 75 -19.83 -0.01 -2.57
C GLY A 75 -19.62 0.68 -1.23
N GLY A 76 -19.31 1.97 -1.32
CA GLY A 76 -19.08 2.80 -0.16
C GLY A 76 -17.64 3.06 0.21
N PHE A 77 -16.70 2.83 -0.72
CA PHE A 77 -15.30 2.99 -0.37
C PHE A 77 -14.80 4.43 -0.49
N PHE A 78 -15.54 5.31 -1.14
CA PHE A 78 -15.16 6.72 -1.19
C PHE A 78 -16.07 7.49 -0.24
N ALA A 79 -15.52 7.81 0.93
CA ALA A 79 -16.22 8.61 1.95
C ALA A 79 -17.53 7.95 2.38
N GLY A 80 -17.61 6.63 2.28
CA GLY A 80 -18.82 5.93 2.67
C GLY A 80 -20.01 6.17 1.78
N LEU A 81 -19.79 6.72 0.58
CA LEU A 81 -20.88 6.99 -0.35
C LEU A 81 -21.41 5.68 -0.90
N ALA A 82 -22.62 5.31 -0.48
CA ALA A 82 -23.22 4.06 -0.91
C ALA A 82 -23.36 4.02 -2.42
N ALA A 83 -23.02 2.87 -3.01
CA ALA A 83 -23.07 2.66 -4.45
C ALA A 83 -22.92 1.17 -4.71
N GLU A 84 -23.05 0.80 -5.98
CA GLU A 84 -22.72 -0.55 -6.40
C GLU A 84 -21.23 -0.66 -6.68
N TRP A 85 -20.75 -1.89 -6.74
CA TRP A 85 -19.40 -2.10 -7.23
C TRP A 85 -19.37 -1.79 -8.72
N PRO A 86 -18.42 -0.98 -9.18
CA PRO A 86 -18.38 -0.63 -10.62
C PRO A 86 -18.28 -1.88 -11.48
N ALA A 87 -19.27 -2.05 -12.36
CA ALA A 87 -19.34 -3.23 -13.21
C ALA A 87 -18.31 -3.23 -14.32
N ASP A 88 -17.67 -2.08 -14.60
CA ASP A 88 -16.75 -1.94 -15.72
C ASP A 88 -15.34 -1.61 -15.27
N LEU A 89 -14.98 -1.99 -14.04
CA LEU A 89 -13.63 -1.76 -13.54
C LEU A 89 -12.62 -2.47 -14.44
N ASP A 90 -11.59 -1.74 -14.87
CA ASP A 90 -10.63 -2.27 -15.82
C ASP A 90 -9.52 -3.02 -15.09
N THR A 91 -9.95 -4.13 -14.47
CA THR A 91 -9.04 -5.08 -13.85
C THR A 91 -9.63 -6.46 -13.98
N ALA A 92 -8.77 -7.47 -14.07
CA ALA A 92 -9.23 -8.84 -13.98
C ALA A 92 -9.45 -9.28 -12.54
N HIS A 93 -9.07 -8.44 -11.58
CA HIS A 93 -9.25 -8.73 -10.16
C HIS A 93 -10.19 -7.70 -9.56
N SER A 94 -11.43 -7.64 -10.04
CA SER A 94 -12.38 -6.59 -9.67
C SER A 94 -13.17 -7.02 -8.44
N TYR A 95 -12.53 -6.86 -7.28
CA TYR A 95 -13.16 -7.14 -6.00
C TYR A 95 -12.26 -6.60 -4.90
N VAL A 96 -12.78 -6.65 -3.67
CA VAL A 96 -12.01 -6.37 -2.47
C VAL A 96 -11.78 -7.70 -1.76
N LEU A 97 -10.57 -7.91 -1.26
CA LEU A 97 -10.23 -9.11 -0.52
C LEU A 97 -10.26 -8.78 0.97
N ALA A 98 -11.34 -9.15 1.64
CA ALA A 98 -11.44 -8.97 3.08
C ALA A 98 -10.48 -9.93 3.78
N ILE A 99 -9.45 -9.38 4.42
CA ILE A 99 -8.46 -10.17 5.15
C ILE A 99 -7.82 -9.28 6.21
N PRO A 100 -7.71 -9.73 7.45
CA PRO A 100 -7.13 -8.87 8.50
C PRO A 100 -5.66 -8.61 8.26
N GLN A 101 -5.21 -7.41 8.65
CA GLN A 101 -3.82 -7.04 8.46
C GLN A 101 -2.87 -7.99 9.19
N VAL A 102 -3.30 -8.52 10.34
CA VAL A 102 -2.48 -9.50 11.04
C VAL A 102 -2.27 -10.74 10.17
N VAL A 103 -3.30 -11.15 9.43
CA VAL A 103 -3.15 -12.28 8.52
C VAL A 103 -2.26 -11.89 7.34
N THR A 104 -2.47 -10.68 6.79
CA THR A 104 -1.62 -10.22 5.69
C THR A 104 -0.16 -10.21 6.09
N GLU A 105 0.14 -9.64 7.27
CA GLU A 105 1.52 -9.63 7.75
C GLU A 105 2.04 -11.05 7.99
N ARG A 106 1.16 -11.95 8.45
CA ARG A 106 1.56 -13.34 8.64
CA ARG A 106 1.57 -13.33 8.64
C ARG A 106 1.98 -13.96 7.32
N LEU A 107 1.14 -13.82 6.29
CA LEU A 107 1.45 -14.40 4.98
C LEU A 107 2.72 -13.80 4.39
N LEU A 108 2.90 -12.48 4.55
CA LEU A 108 4.09 -11.84 4.01
C LEU A 108 5.34 -12.20 4.81
N THR A 109 5.20 -12.39 6.12
CA THR A 109 6.32 -12.85 6.93
C THR A 109 6.77 -14.23 6.49
N GLU A 110 5.82 -15.15 6.31
CA GLU A 110 6.16 -16.52 5.93
C GLU A 110 6.76 -16.57 4.53
N HIS A 111 6.33 -15.70 3.61
CA HIS A 111 6.87 -15.72 2.27
C HIS A 111 8.28 -15.14 2.21
N ALA A 112 8.53 -14.05 2.95
CA ALA A 112 9.86 -13.48 3.00
C ALA A 112 10.84 -14.47 3.64
N THR A 113 10.40 -15.17 4.67
CA THR A 113 11.26 -16.15 5.33
C THR A 113 11.61 -17.30 4.37
N GLU A 114 10.61 -17.88 3.72
CA GLU A 114 10.87 -19.02 2.83
C GLU A 114 11.75 -18.65 1.65
N LEU A 115 11.84 -17.36 1.32
CA LEU A 115 12.77 -16.88 0.29
C LEU A 115 14.16 -16.58 0.83
N GLY A 116 14.38 -16.71 2.13
CA GLY A 116 15.70 -16.51 2.69
C GLY A 116 15.97 -15.16 3.29
N ALA A 117 14.96 -14.30 3.42
CA ALA A 117 15.13 -13.06 4.14
C ALA A 117 15.27 -13.35 5.63
N GLU A 118 16.11 -12.56 6.30
CA GLU A 118 16.40 -12.75 7.72
C GLU A 118 15.59 -11.74 8.52
N ILE A 119 14.58 -12.22 9.23
CA ILE A 119 13.78 -11.38 10.12
C ILE A 119 14.36 -11.48 11.52
N ARG A 120 14.66 -10.32 12.12
CA ARG A 120 15.25 -10.24 13.46
C ARG A 120 14.33 -9.40 14.34
N ARG A 121 13.57 -10.07 15.19
CA ARG A 121 12.63 -9.41 16.08
C ARG A 121 13.32 -8.98 17.37
N GLY A 122 12.72 -7.99 18.03
CA GLY A 122 13.35 -7.39 19.18
C GLY A 122 14.54 -6.51 18.86
N CYS A 123 14.68 -6.13 17.59
CA CYS A 123 15.81 -5.33 17.12
C CYS A 123 15.27 -3.97 16.69
N GLU A 124 15.58 -2.94 17.47
CA GLU A 124 15.09 -1.58 17.24
C GLU A 124 16.23 -0.71 16.75
N VAL A 125 16.05 -0.12 15.56
CA VAL A 125 17.03 0.81 15.03
C VAL A 125 16.96 2.11 15.82
N ALA A 126 18.08 2.50 16.43
CA ALA A 126 18.15 3.72 17.23
C ALA A 126 19.01 4.81 16.59
N GLY A 127 20.00 4.44 15.78
CA GLY A 127 20.82 5.42 15.10
C GLY A 127 21.24 4.87 13.74
N LEU A 128 21.79 5.76 12.92
CA LEU A 128 22.32 5.34 11.63
C LEU A 128 23.47 6.25 11.24
N ASP A 129 24.40 5.69 10.47
CA ASP A 129 25.56 6.41 9.98
C ASP A 129 25.91 5.86 8.61
N GLN A 130 25.79 6.70 7.58
CA GLN A 130 26.06 6.29 6.21
C GLN A 130 27.24 7.07 5.64
N ASP A 131 27.89 6.46 4.66
CA ASP A 131 28.99 7.11 3.94
C ASP A 131 28.90 6.70 2.48
N ALA A 132 29.99 6.88 1.74
CA ALA A 132 29.99 6.62 0.31
C ALA A 132 29.89 5.14 -0.04
N ASP A 133 30.06 4.23 0.92
CA ASP A 133 30.08 2.81 0.64
C ASP A 133 28.92 2.03 1.24
N GLY A 134 28.35 2.50 2.34
CA GLY A 134 27.27 1.76 2.95
C GLY A 134 26.60 2.55 4.06
N VAL A 135 25.75 1.84 4.81
CA VAL A 135 25.04 2.39 5.96
C VAL A 135 25.27 1.48 7.16
N THR A 136 25.45 2.09 8.33
CA THR A 136 25.51 1.37 9.59
C THR A 136 24.25 1.65 10.39
N ALA A 137 23.57 0.59 10.80
CA ALA A 137 22.42 0.71 11.68
C ALA A 137 22.89 0.44 13.11
N GLU A 138 22.52 1.33 14.03
CA GLU A 138 22.85 1.18 15.44
C GLU A 138 21.58 0.80 16.19
N LEU A 139 21.60 -0.38 16.82
CA LEU A 139 20.42 -0.86 17.53
C LEU A 139 20.38 -0.30 18.94
N ALA A 140 19.20 -0.40 19.56
CA ALA A 140 19.01 0.15 20.89
C ALA A 140 19.89 -0.51 21.94
N ASP A 141 20.36 -1.73 21.69
CA ASP A 141 21.24 -2.42 22.63
C ASP A 141 22.72 -2.17 22.34
N GLY A 142 23.05 -1.18 21.51
CA GLY A 142 24.42 -0.84 21.21
C GLY A 142 25.06 -1.65 20.09
N THR A 143 24.39 -2.69 19.59
CA THR A 143 24.94 -3.47 18.50
C THR A 143 24.80 -2.71 17.19
N ARG A 144 25.67 -3.05 16.24
CA ARG A 144 25.75 -2.33 14.96
C ARG A 144 25.64 -3.32 13.82
N LEU A 145 24.99 -2.89 12.73
CA LEU A 145 24.84 -3.70 11.53
C LEU A 145 25.21 -2.86 10.31
N ARG A 146 25.96 -3.47 9.39
CA ARG A 146 26.46 -2.79 8.21
C ARG A 146 25.81 -3.36 6.96
N ALA A 147 25.50 -2.49 6.00
CA ALA A 147 24.89 -2.90 4.75
C ALA A 147 25.18 -1.86 3.68
N ARG A 148 24.84 -2.21 2.44
CA ARG A 148 25.01 -1.29 1.33
C ARG A 148 23.90 -0.24 1.28
N TYR A 149 22.68 -0.62 1.68
CA TYR A 149 21.55 0.29 1.71
C TYR A 149 20.69 -0.02 2.93
N LEU A 150 19.99 1.01 3.42
CA LEU A 150 19.00 0.86 4.47
C LEU A 150 17.70 1.51 4.01
N VAL A 151 16.58 0.82 4.25
CA VAL A 151 15.27 1.32 3.88
C VAL A 151 14.44 1.46 5.14
N GLY A 152 14.02 2.68 5.45
CA GLY A 152 13.14 2.91 6.57
C GLY A 152 11.71 2.54 6.25
N CYS A 153 11.30 1.35 6.66
CA CYS A 153 9.91 0.90 6.58
C CYS A 153 9.30 0.81 7.98
N ASP A 154 9.64 1.76 8.85
CA ASP A 154 9.37 1.67 10.28
C ASP A 154 8.16 2.48 10.73
N GLY A 155 7.19 2.70 9.85
CA GLY A 155 5.90 3.22 10.26
C GLY A 155 5.80 4.72 10.31
N GLY A 156 4.62 5.19 10.71
CA GLY A 156 4.30 6.60 10.59
C GLY A 156 5.12 7.49 11.51
N ARG A 157 5.59 6.95 12.63
CA ARG A 157 6.50 7.71 13.47
C ARG A 157 7.91 7.18 13.27
N SER A 158 8.38 7.24 12.01
CA SER A 158 9.61 6.55 11.62
C SER A 158 10.82 7.14 12.33
N THR A 159 11.61 6.25 12.94
CA THR A 159 12.90 6.65 13.47
C THR A 159 13.86 7.05 12.36
N VAL A 160 13.84 6.30 11.25
CA VAL A 160 14.75 6.58 10.14
C VAL A 160 14.49 7.96 9.57
N ARG A 161 13.22 8.30 9.36
CA ARG A 161 12.87 9.60 8.81
C ARG A 161 13.39 10.71 9.72
N ARG A 162 13.19 10.57 11.04
CA ARG A 162 13.64 11.61 11.97
C ARG A 162 15.15 11.74 11.95
N LEU A 163 15.87 10.62 12.03
CA LEU A 163 17.33 10.66 12.04
C LEU A 163 17.89 11.24 10.75
N LEU A 164 17.18 11.06 9.63
CA LEU A 164 17.62 11.64 8.36
C LEU A 164 17.38 13.14 8.31
N GLY A 165 16.56 13.68 9.20
CA GLY A 165 16.19 15.07 9.11
C GLY A 165 15.33 15.40 7.91
N VAL A 166 14.70 14.39 7.31
CA VAL A 166 13.83 14.62 6.15
C VAL A 166 12.59 15.39 6.58
N ASP A 167 12.31 16.48 5.88
CA ASP A 167 11.13 17.27 6.21
C ASP A 167 9.86 16.48 5.89
N PHE A 168 8.83 16.71 6.71
CA PHE A 168 7.60 15.92 6.67
C PHE A 168 6.39 16.87 6.61
N PRO A 169 6.30 17.68 5.56
CA PRO A 169 5.27 18.74 5.54
C PRO A 169 3.90 18.20 5.18
N GLY A 170 2.88 18.97 5.55
CA GLY A 170 1.52 18.65 5.22
C GLY A 170 0.54 19.41 6.11
N GLU A 171 -0.63 18.80 6.31
CA GLU A 171 -1.66 19.39 7.15
C GLU A 171 -1.67 18.73 8.51
N PRO A 172 -1.72 19.50 9.60
CA PRO A 172 -1.75 18.89 10.94
C PRO A 172 -3.07 18.19 11.20
N THR A 173 -3.10 17.42 12.29
CA THR A 173 -4.33 16.80 12.72
C THR A 173 -5.31 17.85 13.21
N ARG A 174 -6.50 17.85 12.64
CA ARG A 174 -7.59 18.71 13.08
C ARG A 174 -8.81 17.92 13.52
N VAL A 175 -8.89 16.64 13.18
CA VAL A 175 -10.00 15.77 13.55
C VAL A 175 -9.42 14.48 14.12
N GLU A 176 -9.89 14.09 15.29
CA GLU A 176 -9.43 12.88 15.96
C GLU A 176 -10.59 11.91 16.12
N THR A 177 -10.29 10.62 15.98
CA THR A 177 -11.28 9.55 16.09
C THR A 177 -10.74 8.49 17.03
N LEU A 178 -11.65 7.85 17.78
CA LEU A 178 -11.27 6.82 18.73
C LEU A 178 -11.54 5.44 18.16
N LEU A 179 -10.78 4.46 18.64
CA LEU A 179 -10.89 3.07 18.24
C LEU A 179 -10.90 2.20 19.49
N ALA A 180 -11.75 1.17 19.50
CA ALA A 180 -11.90 0.35 20.70
C ALA A 180 -12.39 -1.05 20.34
N ASP A 181 -11.68 -2.06 20.87
CA ASP A 181 -12.19 -3.43 20.91
C ASP A 181 -12.68 -3.70 22.32
N VAL A 182 -13.99 -3.77 22.49
CA VAL A 182 -14.61 -3.85 23.80
C VAL A 182 -15.77 -4.85 23.77
N ARG A 183 -16.25 -5.19 24.96
CA ARG A 183 -17.49 -5.91 25.14
C ARG A 183 -18.59 -4.93 25.53
N ILE A 184 -19.83 -5.28 25.22
CA ILE A 184 -20.96 -4.40 25.46
C ILE A 184 -22.00 -5.14 26.31
N ASP A 185 -22.92 -4.38 26.87
CA ASP A 185 -24.00 -4.91 27.69
C ASP A 185 -25.35 -4.90 26.98
N VAL A 186 -25.37 -4.65 25.67
CA VAL A 186 -26.61 -4.65 24.91
C VAL A 186 -26.55 -5.74 23.85
N PRO A 187 -27.69 -6.26 23.40
CA PRO A 187 -27.69 -7.17 22.25
C PRO A 187 -27.15 -6.48 21.02
N VAL A 188 -26.66 -7.30 20.08
CA VAL A 188 -26.06 -6.76 18.87
C VAL A 188 -27.10 -6.01 18.05
N GLU A 189 -28.34 -6.49 18.05
CA GLU A 189 -29.41 -5.82 17.31
C GLU A 189 -29.71 -4.45 17.90
N THR A 190 -29.51 -4.28 19.22
CA THR A 190 -29.68 -2.98 19.83
C THR A 190 -28.56 -2.04 19.42
N LEU A 191 -27.32 -2.54 19.44
CA LEU A 191 -26.18 -1.75 18.96
C LEU A 191 -26.39 -1.33 17.50
N THR A 192 -26.82 -2.27 16.66
CA THR A 192 -26.99 -1.99 15.24
C THR A 192 -28.06 -0.94 15.00
N ALA A 193 -29.15 -0.98 15.77
CA ALA A 193 -30.22 -0.01 15.58
C ALA A 193 -29.75 1.40 15.91
N VAL A 194 -29.00 1.56 17.02
CA VAL A 194 -28.50 2.87 17.39
C VAL A 194 -27.46 3.35 16.38
N VAL A 195 -26.59 2.45 15.91
CA VAL A 195 -25.56 2.82 14.95
C VAL A 195 -26.19 3.35 13.67
N ALA A 196 -27.21 2.65 13.16
CA ALA A 196 -27.87 3.08 11.93
C ALA A 196 -28.52 4.46 12.11
N GLU A 197 -29.04 4.74 13.31
CA GLU A 197 -29.63 6.04 13.57
C GLU A 197 -28.57 7.13 13.58
N VAL A 198 -27.43 6.88 14.23
CA VAL A 198 -26.37 7.87 14.27
C VAL A 198 -25.75 8.05 12.90
N ARG A 199 -25.55 6.96 12.16
CA ARG A 199 -24.93 7.03 10.85
C ARG A 199 -25.81 7.71 9.80
N LYS A 200 -27.02 8.14 10.16
CA LYS A 200 -27.78 8.99 9.24
C LYS A 200 -27.15 10.37 9.09
N THR A 201 -26.34 10.80 10.06
CA THR A 201 -25.69 12.11 9.96
C THR A 201 -24.19 11.99 10.27
N GLN A 202 -23.85 11.30 11.35
CA GLN A 202 -22.45 11.13 11.75
C GLN A 202 -21.97 9.79 11.23
N LEU A 203 -21.18 9.82 10.16
CA LEU A 203 -20.68 8.61 9.53
C LEU A 203 -19.31 8.19 10.04
N ARG A 204 -18.70 8.95 10.95
CA ARG A 204 -17.51 8.50 11.65
C ARG A 204 -17.83 7.67 12.88
N PHE A 205 -19.01 7.06 12.93
CA PHE A 205 -19.43 6.20 14.03
C PHE A 205 -19.82 4.85 13.46
N GLY A 206 -19.32 3.78 14.08
CA GLY A 206 -19.59 2.46 13.55
C GLY A 206 -19.25 1.39 14.56
N ALA A 207 -19.74 0.18 14.28
CA ALA A 207 -19.52 -0.96 15.15
C ALA A 207 -19.46 -2.22 14.30
N VAL A 208 -18.37 -2.97 14.46
CA VAL A 208 -18.18 -4.24 13.75
C VAL A 208 -17.91 -5.32 14.80
N PRO A 209 -18.69 -6.40 14.83
CA PRO A 209 -18.40 -7.48 15.77
C PRO A 209 -17.12 -8.21 15.40
N ALA A 210 -16.43 -8.70 16.43
CA ALA A 210 -15.22 -9.48 16.25
C ALA A 210 -15.46 -10.98 16.23
N GLY A 211 -16.68 -11.42 16.51
CA GLY A 211 -17.03 -12.82 16.48
C GLY A 211 -16.82 -13.57 17.77
N ASP A 212 -16.03 -13.01 18.70
CA ASP A 212 -15.78 -13.65 19.99
C ASP A 212 -16.47 -12.93 21.14
N GLY A 213 -17.48 -12.11 20.84
CA GLY A 213 -18.16 -11.31 21.84
C GLY A 213 -17.66 -9.89 21.95
N PHE A 214 -16.49 -9.58 21.40
CA PHE A 214 -15.97 -8.22 21.37
C PHE A 214 -16.46 -7.48 20.13
N PHE A 215 -16.43 -6.15 20.21
CA PHE A 215 -16.93 -5.30 19.14
C PHE A 215 -15.91 -4.22 18.84
N ARG A 216 -15.65 -4.00 17.55
CA ARG A 216 -14.79 -2.92 17.09
C ARG A 216 -15.62 -1.64 16.97
N LEU A 217 -15.29 -0.65 17.80
CA LEU A 217 -16.03 0.60 17.81
C LEU A 217 -15.17 1.72 17.23
N ILE A 218 -15.79 2.54 16.37
CA ILE A 218 -15.19 3.76 15.86
C ILE A 218 -16.08 4.92 16.29
N VAL A 219 -15.50 5.88 16.98
CA VAL A 219 -16.29 6.98 17.54
C VAL A 219 -15.49 8.28 17.46
N PRO A 220 -16.10 9.39 17.05
CA PRO A 220 -15.38 10.66 17.03
C PRO A 220 -14.92 11.07 18.42
N ALA A 221 -13.71 11.60 18.48
CA ALA A 221 -13.21 12.16 19.73
C ALA A 221 -13.85 13.53 19.98
N GLN A 222 -13.71 14.01 21.20
CA GLN A 222 -14.15 15.36 21.57
C GLN A 222 -12.93 16.27 21.56
N GLY A 223 -12.88 17.16 20.56
CA GLY A 223 -11.74 18.03 20.41
C GLY A 223 -10.47 17.25 20.06
N LEU A 224 -9.34 17.87 20.39
CA LEU A 224 -8.04 17.25 20.21
C LEU A 224 -7.37 17.06 21.57
N SER A 225 -6.62 15.98 21.69
CA SER A 225 -5.90 15.67 22.92
C SER A 225 -4.50 16.25 22.88
N ALA A 226 -4.04 16.75 24.03
CA ALA A 226 -2.69 17.28 24.13
C ALA A 226 -1.66 16.17 24.17
N ASP A 227 -1.93 15.10 24.92
CA ASP A 227 -0.96 14.03 25.08
C ASP A 227 -0.87 13.16 23.83
N ARG A 228 -1.93 13.10 23.02
CA ARG A 228 -2.08 12.17 21.92
C ARG A 228 -1.99 10.71 22.37
N ALA A 229 -2.08 10.46 23.68
CA ALA A 229 -1.97 9.11 24.21
C ALA A 229 -3.26 8.34 23.94
N ALA A 230 -3.25 7.07 24.31
CA ALA A 230 -4.43 6.24 24.12
C ALA A 230 -5.57 6.73 25.02
N PRO A 231 -6.80 6.70 24.54
CA PRO A 231 -7.93 7.14 25.37
C PRO A 231 -8.24 6.12 26.45
N THR A 232 -8.59 6.61 27.63
CA THR A 232 -9.06 5.73 28.69
C THR A 232 -10.45 5.21 28.33
N LEU A 233 -10.90 4.19 29.09
CA LEU A 233 -12.27 3.72 28.92
C LEU A 233 -13.26 4.83 29.23
N ASP A 234 -12.94 5.68 30.21
CA ASP A 234 -13.79 6.82 30.53
C ASP A 234 -13.95 7.74 29.33
N GLU A 235 -12.85 8.04 28.64
CA GLU A 235 -12.95 8.89 27.45
C GLU A 235 -13.79 8.23 26.38
N LEU A 236 -13.67 6.91 26.22
CA LEU A 236 -14.52 6.20 25.27
C LEU A 236 -15.98 6.35 25.61
N LYS A 237 -16.32 6.25 26.90
CA LYS A 237 -17.71 6.40 27.32
C LYS A 237 -18.23 7.81 27.08
N ARG A 238 -17.40 8.82 27.37
CA ARG A 238 -17.81 10.19 27.12
C ARG A 238 -18.11 10.42 25.64
N CYS A 239 -17.25 9.91 24.76
CA CYS A 239 -17.46 10.10 23.33
C CYS A 239 -18.66 9.30 22.82
N LEU A 240 -18.90 8.12 23.40
CA LEU A 240 -20.07 7.34 23.00
C LEU A 240 -21.36 8.06 23.41
N HIS A 241 -21.40 8.58 24.64
CA HIS A 241 -22.56 9.36 25.06
C HIS A 241 -22.78 10.57 24.16
N ALA A 242 -21.70 11.29 23.85
CA ALA A 242 -21.82 12.50 23.05
C ALA A 242 -22.34 12.19 21.64
N THR A 243 -21.92 11.06 21.08
CA THR A 243 -22.24 10.72 19.70
C THR A 243 -23.48 9.85 19.56
N ALA A 244 -23.67 8.85 20.42
CA ALA A 244 -24.79 7.93 20.32
C ALA A 244 -25.81 8.08 21.44
N GLY A 245 -25.53 8.90 22.45
CA GLY A 245 -26.43 9.05 23.57
C GLY A 245 -26.34 7.97 24.62
N THR A 246 -25.48 6.98 24.42
CA THR A 246 -25.29 5.88 25.35
C THR A 246 -23.92 5.30 25.11
N ASP A 247 -23.35 4.67 26.14
CA ASP A 247 -22.08 3.97 25.99
C ASP A 247 -22.26 2.47 25.82
N PHE A 248 -23.50 2.01 25.66
CA PHE A 248 -23.84 0.60 25.46
C PHE A 248 -23.32 -0.30 26.57
N GLY A 249 -22.85 0.27 27.67
CA GLY A 249 -22.25 -0.52 28.73
C GLY A 249 -20.91 -1.12 28.36
N VAL A 250 -20.10 -0.38 27.60
CA VAL A 250 -18.79 -0.89 27.19
C VAL A 250 -17.95 -1.19 28.42
N HIS A 251 -17.17 -2.27 28.32
CA HIS A 251 -16.31 -2.69 29.41
C HIS A 251 -15.27 -3.66 28.85
N SER A 252 -14.25 -3.91 29.66
CA SER A 252 -13.20 -4.87 29.35
C SER A 252 -12.52 -4.62 27.98
N PRO A 253 -11.94 -3.43 27.79
CA PRO A 253 -11.26 -3.15 26.51
C PRO A 253 -10.00 -3.99 26.38
N ARG A 254 -9.84 -4.62 25.22
CA ARG A 254 -8.60 -5.28 24.87
C ARG A 254 -7.81 -4.47 23.84
N TRP A 255 -8.28 -3.29 23.50
CA TRP A 255 -7.58 -2.35 22.64
C TRP A 255 -8.25 -0.98 22.69
N LEU A 256 -7.46 0.07 22.91
CA LEU A 256 -7.96 1.44 22.89
C LEU A 256 -6.95 2.30 22.14
N SER A 257 -7.44 3.12 21.21
CA SER A 257 -6.55 3.86 20.33
C SER A 257 -7.19 5.18 19.90
N ARG A 258 -6.34 6.07 19.40
CA ARG A 258 -6.75 7.38 18.90
C ARG A 258 -5.90 7.70 17.68
N PHE A 259 -6.56 8.11 16.59
CA PHE A 259 -5.85 8.51 15.38
C PHE A 259 -6.40 9.82 14.87
N GLY A 260 -5.50 10.62 14.29
CA GLY A 260 -5.86 11.90 13.70
C GLY A 260 -5.91 11.82 12.19
N ASP A 261 -6.30 12.95 11.59
CA ASP A 261 -6.46 13.05 10.15
C ASP A 261 -5.32 13.81 9.48
N ALA A 262 -4.18 13.94 10.16
CA ALA A 262 -3.04 14.63 9.58
C ALA A 262 -2.60 13.95 8.29
N THR A 263 -2.19 14.76 7.32
CA THR A 263 -1.69 14.27 6.04
C THR A 263 -0.30 14.83 5.84
N ARG A 264 0.72 13.99 5.91
CA ARG A 264 2.10 14.41 5.77
C ARG A 264 2.82 13.51 4.78
N LEU A 265 3.81 14.08 4.10
CA LEU A 265 4.53 13.40 3.04
C LEU A 265 6.01 13.74 3.16
N ALA A 266 6.86 12.71 3.17
CA ALA A 266 8.30 12.93 3.21
C ALA A 266 8.76 13.73 2.00
N GLU A 267 9.57 14.76 2.24
CA GLU A 267 10.00 15.62 1.15
C GLU A 267 10.89 14.88 0.17
N ARG A 268 11.74 13.97 0.68
CA ARG A 268 12.59 13.13 -0.15
C ARG A 268 12.44 11.69 0.30
N TYR A 269 12.13 10.80 -0.64
CA TYR A 269 12.08 9.38 -0.33
C TYR A 269 13.48 8.79 -0.19
N ARG A 270 14.50 9.41 -0.79
CA ARG A 270 15.86 8.91 -0.75
C ARG A 270 16.80 9.96 -0.17
N THR A 271 17.66 9.54 0.74
CA THR A 271 18.74 10.37 1.28
C THR A 271 20.02 9.54 1.18
N GLY A 272 20.69 9.65 0.05
CA GLY A 272 21.92 8.90 -0.13
C GLY A 272 21.60 7.43 -0.30
N ARG A 273 22.11 6.62 0.64
CA ARG A 273 21.89 5.18 0.64
C ARG A 273 20.76 4.77 1.58
N VAL A 274 19.98 5.73 2.08
CA VAL A 274 18.84 5.45 2.95
C VAL A 274 17.58 5.93 2.24
N LEU A 275 16.57 5.06 2.19
CA LEU A 275 15.30 5.38 1.56
C LEU A 275 14.16 5.12 2.53
N LEU A 276 12.99 5.66 2.20
CA LEU A 276 11.79 5.55 3.03
C LEU A 276 10.67 4.89 2.23
N ALA A 277 9.78 4.19 2.93
CA ALA A 277 8.70 3.47 2.27
C ALA A 277 7.56 3.25 3.26
N GLY A 278 6.35 3.18 2.73
CA GLY A 278 5.20 2.93 3.57
C GLY A 278 4.83 4.14 4.42
N ASP A 279 4.25 3.87 5.58
CA ASP A 279 3.87 4.94 6.50
C ASP A 279 5.07 5.78 6.94
N ALA A 280 6.29 5.26 6.77
CA ALA A 280 7.47 6.07 7.05
C ALA A 280 7.58 7.26 6.11
N ALA A 281 7.04 7.14 4.90
CA ALA A 281 7.11 8.20 3.91
C ALA A 281 5.83 9.03 3.81
N HIS A 282 4.74 8.59 4.42
CA HIS A 282 3.47 9.29 4.25
C HIS A 282 2.47 8.78 5.27
N ILE A 283 1.75 9.71 5.91
CA ILE A 283 0.63 9.39 6.78
C ILE A 283 -0.61 10.11 6.27
N HIS A 284 -1.77 9.55 6.59
CA HIS A 284 -3.07 10.06 6.15
C HIS A 284 -4.20 9.32 6.88
N PRO A 285 -5.43 9.81 6.82
CA PRO A 285 -6.56 9.09 7.45
C PRO A 285 -6.83 7.77 6.75
N PRO A 286 -7.51 6.84 7.41
CA PRO A 286 -7.81 5.55 6.78
C PRO A 286 -9.05 5.55 5.89
N THR A 287 -9.53 6.73 5.49
CA THR A 287 -10.65 6.80 4.57
C THR A 287 -10.30 6.10 3.27
N GLY A 288 -11.11 5.14 2.87
CA GLY A 288 -10.87 4.39 1.65
C GLY A 288 -10.00 3.16 1.84
N GLY A 289 -9.35 3.01 2.99
CA GLY A 289 -8.50 1.87 3.25
C GLY A 289 -7.32 1.76 2.30
N GLN A 290 -6.52 2.84 2.22
CA GLN A 290 -5.49 2.94 1.20
C GLN A 290 -4.07 2.77 1.72
N GLY A 291 -3.84 2.94 3.03
CA GLY A 291 -2.48 3.01 3.53
C GLY A 291 -1.67 1.75 3.27
N LEU A 292 -2.21 0.60 3.70
CA LEU A 292 -1.47 -0.64 3.55
C LEU A 292 -1.22 -0.99 2.08
N ASN A 293 -2.21 -0.72 1.22
CA ASN A 293 -2.01 -0.90 -0.21
C ASN A 293 -0.93 0.04 -0.74
N LEU A 294 -0.96 1.30 -0.28
CA LEU A 294 0.04 2.27 -0.71
C LEU A 294 1.44 1.84 -0.30
N GLY A 295 1.59 1.25 0.89
CA GLY A 295 2.89 0.79 1.33
C GLY A 295 3.39 -0.42 0.57
N ILE A 296 2.50 -1.40 0.32
CA ILE A 296 2.89 -2.59 -0.45
C ILE A 296 3.36 -2.19 -1.84
N GLN A 297 2.68 -1.23 -2.46
CA GLN A 297 3.04 -0.79 -3.80
C GLN A 297 4.27 0.11 -3.80
N ASP A 298 4.58 0.76 -2.67
CA ASP A 298 5.89 1.40 -2.54
C ASP A 298 7.00 0.36 -2.63
N ALA A 299 6.88 -0.72 -1.83
CA ALA A 299 7.87 -1.77 -1.86
C ALA A 299 7.94 -2.44 -3.22
N PHE A 300 6.79 -2.63 -3.86
CA PHE A 300 6.76 -3.24 -5.19
C PHE A 300 7.45 -2.37 -6.23
N ASN A 301 7.40 -1.05 -6.05
CA ASN A 301 8.11 -0.15 -6.97
C ASN A 301 9.60 -0.15 -6.68
N LEU A 302 9.99 -0.25 -5.40
CA LEU A 302 11.37 -0.10 -4.98
C LEU A 302 12.18 -1.38 -5.09
N GLY A 303 11.57 -2.53 -4.82
CA GLY A 303 12.28 -3.80 -4.75
C GLY A 303 13.23 -4.11 -5.90
N TRP A 304 12.70 -4.22 -7.12
CA TRP A 304 13.53 -4.58 -8.26
C TRP A 304 14.54 -3.49 -8.60
N LYS A 305 14.21 -2.23 -8.33
CA LYS A 305 15.16 -1.16 -8.56
C LYS A 305 16.33 -1.23 -7.60
N LEU A 306 16.03 -1.44 -6.31
CA LEU A 306 17.10 -1.61 -5.33
C LEU A 306 17.90 -2.86 -5.60
N ALA A 307 17.24 -3.94 -6.03
CA ALA A 307 17.95 -5.15 -6.41
C ALA A 307 18.83 -4.91 -7.63
N ALA A 308 18.36 -4.06 -8.55
CA ALA A 308 19.18 -3.69 -9.71
C ALA A 308 20.44 -2.95 -9.27
N ALA A 309 20.33 -2.10 -8.25
CA ALA A 309 21.51 -1.41 -7.72
C ALA A 309 22.49 -2.39 -7.12
N ILE A 310 22.01 -3.28 -6.26
CA ILE A 310 22.87 -4.30 -5.65
C ILE A 310 23.53 -5.15 -6.72
N GLY A 311 22.78 -5.50 -7.77
CA GLY A 311 23.33 -6.29 -8.87
C GLY A 311 24.28 -5.54 -9.76
N GLY A 312 24.41 -4.22 -9.59
CA GLY A 312 25.38 -3.44 -10.32
C GLY A 312 25.01 -3.10 -11.74
N TRP A 313 23.78 -3.37 -12.17
CA TRP A 313 23.35 -3.05 -13.53
C TRP A 313 22.37 -1.89 -13.59
N ALA A 314 22.02 -1.30 -12.46
CA ALA A 314 21.02 -0.24 -12.45
C ALA A 314 21.54 0.98 -13.19
N PRO A 315 20.76 1.56 -14.09
CA PRO A 315 21.13 2.85 -14.70
C PRO A 315 21.28 3.92 -13.63
N PRO A 316 21.99 5.01 -13.92
CA PRO A 316 22.30 5.99 -12.87
C PRO A 316 21.08 6.72 -12.31
N ASP A 317 19.94 6.73 -13.02
CA ASP A 317 18.75 7.41 -12.55
C ASP A 317 17.67 6.47 -12.03
N LEU A 318 17.93 5.16 -12.02
CA LEU A 318 16.88 4.19 -11.69
C LEU A 318 16.41 4.34 -10.25
N LEU A 319 17.35 4.43 -9.31
CA LEU A 319 16.97 4.47 -7.90
C LEU A 319 16.21 5.74 -7.56
N ASP A 320 16.57 6.85 -8.20
CA ASP A 320 15.85 8.10 -7.99
C ASP A 320 14.44 8.04 -8.56
N SER A 321 14.17 7.11 -9.48
CA SER A 321 12.83 6.99 -10.03
C SER A 321 11.83 6.44 -9.01
N TYR A 322 12.31 5.82 -7.94
CA TYR A 322 11.42 5.41 -6.87
C TYR A 322 10.72 6.61 -6.25
N HIS A 323 11.49 7.67 -5.95
CA HIS A 323 10.87 8.89 -5.44
C HIS A 323 10.00 9.55 -6.50
N ASP A 324 10.54 9.72 -7.71
CA ASP A 324 9.83 10.45 -8.75
C ASP A 324 8.48 9.83 -9.08
N GLU A 325 8.35 8.51 -8.90
CA GLU A 325 7.11 7.84 -9.23
C GLU A 325 6.16 7.73 -8.04
N ARG A 326 6.69 7.40 -6.85
CA ARG A 326 5.84 7.11 -5.70
C ARG A 326 5.46 8.34 -4.89
N HIS A 327 6.34 9.34 -4.80
CA HIS A 327 5.99 10.56 -4.09
C HIS A 327 4.74 11.23 -4.63
N PRO A 328 4.53 11.38 -5.95
CA PRO A 328 3.27 11.98 -6.41
C PRO A 328 2.06 11.10 -6.16
N VAL A 329 2.23 9.77 -6.25
CA VAL A 329 1.12 8.86 -5.99
C VAL A 329 0.61 9.04 -4.56
N ALA A 330 1.54 9.15 -3.60
CA ALA A 330 1.15 9.36 -2.21
C ALA A 330 0.51 10.72 -2.01
N ALA A 331 1.05 11.75 -2.67
CA ALA A 331 0.48 13.09 -2.56
C ALA A 331 -0.98 13.10 -2.96
N GLU A 332 -1.34 12.35 -4.00
CA GLU A 332 -2.74 12.28 -4.44
C GLU A 332 -3.59 11.48 -3.47
N VAL A 333 -3.02 10.43 -2.87
CA VAL A 333 -3.73 9.70 -1.83
C VAL A 333 -4.05 10.62 -0.66
N LEU A 334 -3.04 11.37 -0.19
CA LEU A 334 -3.27 12.33 0.88
C LEU A 334 -4.36 13.32 0.52
N ASP A 335 -4.37 13.78 -0.73
CA ASP A 335 -5.37 14.77 -1.14
C ASP A 335 -6.77 14.18 -1.15
N ASN A 336 -6.92 12.94 -1.63
CA ASN A 336 -8.26 12.38 -1.68
C ASN A 336 -8.79 11.99 -0.31
N THR A 337 -7.90 11.78 0.67
CA THR A 337 -8.37 11.55 2.03
C THR A 337 -8.82 12.84 2.69
N ARG A 338 -8.17 13.97 2.37
CA ARG A 338 -8.68 15.25 2.83
C ARG A 338 -10.06 15.53 2.24
N ALA A 339 -10.26 15.17 0.97
CA ALA A 339 -11.58 15.30 0.37
C ALA A 339 -12.60 14.41 1.05
N GLN A 340 -12.24 13.15 1.32
CA GLN A 340 -13.17 12.23 1.96
C GLN A 340 -13.54 12.71 3.36
N MET A 341 -12.56 13.19 4.13
CA MET A 341 -12.84 13.67 5.48
C MET A 341 -13.84 14.83 5.45
N THR A 342 -13.69 15.73 4.49
CA THR A 342 -14.66 16.83 4.36
C THR A 342 -16.05 16.31 4.08
N LEU A 343 -16.16 15.29 3.22
CA LEU A 343 -17.45 14.67 2.95
C LEU A 343 -18.03 13.97 4.16
N LEU A 344 -17.24 13.72 5.20
CA LEU A 344 -17.71 13.17 6.45
C LEU A 344 -18.02 14.23 7.49
N SER A 345 -17.82 15.51 7.15
CA SER A 345 -18.03 16.58 8.13
C SER A 345 -19.51 16.77 8.43
N LEU A 346 -19.79 17.21 9.65
CA LEU A 346 -21.15 17.49 10.08
C LEU A 346 -21.60 18.90 9.71
N ASP A 347 -20.70 19.74 9.21
CA ASP A 347 -21.05 21.12 8.93
C ASP A 347 -22.01 21.20 7.75
N PRO A 348 -22.90 22.20 7.76
CA PRO A 348 -23.95 22.24 6.72
C PRO A 348 -23.42 22.35 5.31
N GLY A 349 -22.32 23.08 5.12
CA GLY A 349 -21.70 23.19 3.83
C GLY A 349 -21.30 21.85 3.26
N PRO A 350 -20.36 21.18 3.93
CA PRO A 350 -19.95 19.82 3.50
C PRO A 350 -21.11 18.83 3.37
N ARG A 351 -22.13 18.93 4.22
CA ARG A 351 -23.30 18.07 4.05
C ARG A 351 -23.97 18.30 2.71
N ALA A 352 -24.06 19.56 2.27
CA ALA A 352 -24.64 19.85 0.97
C ALA A 352 -23.78 19.27 -0.15
N VAL A 353 -22.46 19.38 -0.03
CA VAL A 353 -21.57 18.80 -1.04
C VAL A 353 -21.70 17.29 -1.03
N ARG A 354 -21.90 16.69 0.14
CA ARG A 354 -22.05 15.23 0.21
C ARG A 354 -23.30 14.77 -0.53
N ARG A 355 -24.43 15.47 -0.32
CA ARG A 355 -25.64 15.14 -1.04
C ARG A 355 -25.44 15.23 -2.54
N LEU A 356 -24.67 16.23 -2.99
CA LEU A 356 -24.36 16.35 -4.40
C LEU A 356 -23.52 15.18 -4.89
N MET A 357 -22.53 14.76 -4.10
CA MET A 357 -21.72 13.60 -4.47
C MET A 357 -22.57 12.35 -4.56
N ALA A 358 -23.58 12.23 -3.69
CA ALA A 358 -24.47 11.08 -3.74
C ALA A 358 -25.24 11.05 -5.06
N GLU A 359 -25.64 12.21 -5.57
CA GLU A 359 -26.24 12.27 -6.90
C GLU A 359 -25.23 11.85 -7.96
N LEU A 360 -23.98 12.28 -7.81
CA LEU A 360 -23.00 12.11 -8.89
C LEU A 360 -22.54 10.66 -9.00
N VAL A 361 -22.38 9.97 -7.86
CA VAL A 361 -21.89 8.59 -7.89
C VAL A 361 -22.89 7.62 -8.50
N GLU A 362 -24.14 8.05 -8.73
CA GLU A 362 -25.07 7.21 -9.47
C GLU A 362 -24.72 7.11 -10.94
N PHE A 363 -23.91 8.03 -11.45
CA PHE A 363 -23.40 7.92 -12.81
C PHE A 363 -22.28 6.87 -12.84
N PRO A 364 -22.33 5.93 -13.79
CA PRO A 364 -21.29 4.88 -13.80
C PRO A 364 -19.86 5.40 -13.91
N ASP A 365 -19.60 6.42 -14.74
CA ASP A 365 -18.22 6.87 -14.88
C ASP A 365 -17.71 7.59 -13.63
N VAL A 366 -18.61 8.14 -12.80
CA VAL A 366 -18.17 8.70 -11.51
C VAL A 366 -17.80 7.59 -10.54
N ASN A 367 -18.72 6.64 -10.35
CA ASN A 367 -18.47 5.52 -9.44
C ASN A 367 -17.19 4.79 -9.82
N ARG A 368 -16.98 4.57 -11.11
CA ARG A 368 -15.76 3.91 -11.56
C ARG A 368 -14.53 4.77 -11.30
N HIS A 369 -14.64 6.09 -11.51
CA HIS A 369 -13.50 6.96 -11.31
C HIS A 369 -13.06 6.99 -9.86
N LEU A 370 -14.02 7.05 -8.93
CA LEU A 370 -13.68 7.09 -7.50
C LEU A 370 -13.06 5.78 -7.05
N ILE A 371 -13.61 4.64 -7.50
CA ILE A 371 -13.09 3.35 -7.07
C ILE A 371 -11.74 3.07 -7.70
N GLU A 372 -11.55 3.45 -8.97
CA GLU A 372 -10.23 3.32 -9.58
C GLU A 372 -9.18 4.14 -8.84
N LYS A 373 -9.58 5.29 -8.28
CA LYS A 373 -8.67 6.07 -7.47
C LYS A 373 -8.33 5.35 -6.17
N ILE A 374 -9.36 4.87 -5.46
CA ILE A 374 -9.15 4.24 -4.15
C ILE A 374 -8.31 2.96 -4.30
N THR A 375 -8.59 2.17 -5.32
CA THR A 375 -7.95 0.87 -5.49
C THR A 375 -6.62 0.95 -6.25
N ALA A 376 -6.22 2.14 -6.70
CA ALA A 376 -4.91 2.43 -7.29
C ALA A 376 -4.67 1.74 -8.63
N ILE A 377 -5.71 1.19 -9.27
CA ILE A 377 -5.50 0.52 -10.56
C ILE A 377 -5.32 1.49 -11.71
N ALA A 378 -5.56 2.79 -11.49
CA ALA A 378 -5.40 3.80 -12.53
C ALA A 378 -4.16 4.65 -12.36
N VAL A 379 -3.27 4.28 -11.43
CA VAL A 379 -2.01 5.01 -11.25
C VAL A 379 -1.23 4.98 -12.56
N ARG A 380 -0.78 6.16 -12.99
CA ARG A 380 0.01 6.29 -14.21
C ARG A 380 1.27 7.11 -13.89
N TYR A 381 2.42 6.45 -13.94
CA TYR A 381 3.68 7.16 -13.81
C TYR A 381 3.94 7.97 -15.07
N ASP A 382 4.55 9.14 -14.90
CA ASP A 382 4.92 9.99 -16.02
C ASP A 382 6.27 9.52 -16.53
N LEU A 383 6.25 8.62 -17.51
CA LEU A 383 7.45 8.10 -18.13
C LEU A 383 7.83 8.86 -19.39
N GLY A 384 7.13 9.96 -19.70
CA GLY A 384 7.51 10.83 -20.78
C GLY A 384 7.01 10.45 -22.15
N ASP A 385 6.28 9.35 -22.29
CA ASP A 385 5.81 8.89 -23.59
C ASP A 385 4.37 9.32 -23.82
N GLY A 386 4.01 9.47 -25.09
CA GLY A 386 2.67 9.92 -25.44
C GLY A 386 1.60 8.87 -25.31
N HIS A 387 1.96 7.60 -25.50
CA HIS A 387 0.98 6.52 -25.41
C HIS A 387 0.34 6.50 -24.02
N ASP A 388 -0.99 6.38 -23.98
CA ASP A 388 -1.70 6.42 -22.70
C ASP A 388 -1.37 5.22 -21.84
N LEU A 389 -1.04 4.08 -22.46
CA LEU A 389 -0.75 2.87 -21.68
C LEU A 389 0.60 2.97 -20.98
N VAL A 390 1.55 3.70 -21.58
CA VAL A 390 2.89 3.79 -21.00
C VAL A 390 2.83 4.52 -19.67
N GLY A 391 3.42 3.92 -18.65
CA GLY A 391 3.37 4.44 -17.30
C GLY A 391 2.35 3.76 -16.41
N ARG A 392 1.31 3.18 -16.99
CA ARG A 392 0.31 2.43 -16.24
C ARG A 392 0.75 0.98 -16.08
N ARG A 393 0.18 0.33 -15.08
CA ARG A 393 0.32 -1.11 -14.96
C ARG A 393 -0.56 -1.78 -16.01
N LEU A 394 -0.08 -2.88 -16.56
CA LEU A 394 -0.88 -3.69 -17.48
C LEU A 394 -1.70 -4.68 -16.67
N ARG A 395 -3.01 -4.70 -16.92
CA ARG A 395 -3.87 -5.66 -16.25
C ARG A 395 -3.55 -7.07 -16.71
N ASP A 396 -4.08 -8.04 -15.96
CA ASP A 396 -3.92 -9.44 -16.37
C ASP A 396 -4.71 -9.70 -17.64
N ILE A 397 -4.09 -10.44 -18.56
CA ILE A 397 -4.73 -10.78 -19.83
C ILE A 397 -4.50 -12.25 -20.13
N PRO A 398 -5.45 -12.87 -20.82
CA PRO A 398 -5.24 -14.27 -21.23
C PRO A 398 -4.20 -14.37 -22.34
N LEU A 399 -3.30 -15.33 -22.19
CA LEU A 399 -2.38 -15.68 -23.25
C LEU A 399 -2.97 -16.81 -24.09
N THR A 400 -2.19 -17.32 -25.03
CA THR A 400 -2.59 -18.53 -25.75
C THR A 400 -2.85 -19.67 -24.76
N GLU A 401 -1.93 -19.85 -23.81
CA GLU A 401 -2.12 -20.77 -22.70
C GLU A 401 -1.79 -20.05 -21.41
N GLY A 402 -2.75 -20.05 -20.48
CA GLY A 402 -2.55 -19.36 -19.22
C GLY A 402 -2.80 -17.87 -19.35
N ARG A 403 -2.25 -17.12 -18.39
CA ARG A 403 -2.45 -15.69 -18.32
C ARG A 403 -1.12 -14.98 -18.06
N LEU A 404 -1.12 -13.68 -18.33
CA LEU A 404 0.11 -12.89 -18.28
C LEU A 404 0.78 -12.96 -16.91
N TYR A 405 0.00 -12.80 -15.84
CA TYR A 405 0.56 -12.70 -14.51
C TYR A 405 1.28 -13.96 -14.05
N GLU A 406 0.98 -15.11 -14.66
CA GLU A 406 1.68 -16.34 -14.30
C GLU A 406 3.13 -16.34 -14.77
N ARG A 407 3.49 -15.45 -15.70
CA ARG A 407 4.84 -15.36 -16.24
C ARG A 407 5.72 -14.37 -15.50
N MET A 408 5.22 -13.78 -14.40
CA MET A 408 5.90 -12.67 -13.74
C MET A 408 6.44 -13.02 -12.36
N ARG A 409 6.37 -14.28 -11.95
CA ARG A 409 6.68 -14.62 -10.56
C ARG A 409 8.17 -14.46 -10.24
N GLY A 410 9.03 -14.42 -11.26
CA GLY A 410 10.46 -14.20 -11.03
C GLY A 410 10.85 -12.77 -10.79
N GLY A 411 9.93 -11.82 -10.99
CA GLY A 411 10.22 -10.43 -10.73
C GLY A 411 11.18 -9.77 -11.71
N ARG A 412 11.20 -10.23 -12.96
CA ARG A 412 12.07 -9.66 -13.98
C ARG A 412 11.24 -8.89 -15.00
N GLY A 413 11.93 -8.28 -15.96
CA GLY A 413 11.24 -7.62 -17.05
C GLY A 413 10.58 -8.61 -17.98
N LEU A 414 9.66 -8.09 -18.81
CA LEU A 414 8.86 -8.94 -19.68
C LEU A 414 8.45 -8.15 -20.91
N LEU A 415 8.91 -8.61 -22.08
CA LEU A 415 8.47 -8.04 -23.35
C LEU A 415 7.36 -8.92 -23.92
N LEU A 416 6.13 -8.42 -23.86
CA LEU A 416 4.99 -9.13 -24.45
C LEU A 416 4.96 -8.80 -25.94
N ASP A 417 5.35 -9.76 -26.77
CA ASP A 417 5.56 -9.54 -28.19
C ASP A 417 4.53 -10.33 -28.99
N ARG A 418 3.72 -9.63 -29.78
CA ARG A 418 2.76 -10.25 -30.67
C ARG A 418 3.16 -10.14 -32.14
N THR A 419 4.26 -9.45 -32.44
CA THR A 419 4.75 -9.34 -33.81
C THR A 419 5.50 -10.58 -34.26
N GLY A 420 5.95 -11.41 -33.32
CA GLY A 420 6.80 -12.54 -33.67
C GLY A 420 8.14 -12.13 -34.25
N ARG A 421 8.53 -10.88 -34.07
CA ARG A 421 9.73 -10.34 -34.71
C ARG A 421 10.69 -9.64 -33.77
N LEU A 422 10.25 -9.19 -32.60
CA LEU A 422 11.11 -8.39 -31.73
C LEU A 422 12.04 -9.30 -30.92
N SER A 423 13.08 -8.69 -30.34
CA SER A 423 14.08 -9.41 -29.59
C SER A 423 14.63 -8.53 -28.49
N VAL A 424 14.93 -9.14 -27.34
CA VAL A 424 15.58 -8.44 -26.24
C VAL A 424 16.96 -9.01 -26.03
N SER A 425 17.54 -9.56 -27.09
CA SER A 425 18.89 -10.11 -27.02
C SER A 425 19.87 -9.03 -26.56
N GLY A 426 20.67 -9.36 -25.55
CA GLY A 426 21.52 -8.41 -24.87
C GLY A 426 21.01 -8.03 -23.49
N TRP A 427 19.72 -8.21 -23.24
CA TRP A 427 19.13 -8.02 -21.92
C TRP A 427 18.41 -9.28 -21.44
N SER A 428 18.80 -10.45 -21.95
CA SER A 428 18.03 -11.67 -21.75
C SER A 428 18.02 -12.10 -20.29
N ASP A 429 19.09 -11.80 -19.55
CA ASP A 429 19.11 -12.16 -18.14
C ASP A 429 18.17 -11.29 -17.30
N ARG A 430 17.75 -10.14 -17.83
CA ARG A 430 16.91 -9.20 -17.10
C ARG A 430 15.49 -9.09 -17.65
N VAL A 431 15.27 -9.42 -18.92
CA VAL A 431 13.98 -9.24 -19.57
C VAL A 431 13.61 -10.54 -20.27
N ASP A 432 12.44 -11.09 -19.93
CA ASP A 432 11.94 -12.27 -20.62
C ASP A 432 11.21 -11.87 -21.90
N HIS A 433 11.28 -12.74 -22.89
CA HIS A 433 10.63 -12.53 -24.17
C HIS A 433 9.39 -13.42 -24.24
N LEU A 434 8.21 -12.80 -24.13
CA LEU A 434 6.95 -13.53 -24.23
C LEU A 434 6.41 -13.27 -25.65
N ALA A 435 6.82 -14.13 -26.58
CA ALA A 435 6.35 -14.08 -27.96
C ALA A 435 5.06 -14.89 -28.05
N ASP A 436 3.92 -14.21 -28.13
CA ASP A 436 2.61 -14.87 -28.16
C ASP A 436 1.65 -14.02 -28.97
N PRO A 437 1.52 -14.30 -30.26
CA PRO A 437 0.55 -13.54 -31.08
C PRO A 437 -0.89 -13.68 -30.61
N GLY A 438 -1.21 -14.71 -29.82
CA GLY A 438 -2.55 -14.92 -29.32
C GLY A 438 -2.88 -14.20 -28.02
N ALA A 439 -1.97 -13.39 -27.50
CA ALA A 439 -2.23 -12.67 -26.27
C ALA A 439 -3.31 -11.61 -26.50
N ALA A 440 -4.28 -11.55 -25.59
CA ALA A 440 -5.43 -10.65 -25.73
C ALA A 440 -5.04 -9.23 -25.34
N LEU A 441 -4.22 -8.62 -26.20
CA LEU A 441 -3.75 -7.26 -26.00
C LEU A 441 -3.68 -6.57 -27.35
N ASP A 442 -4.34 -5.43 -27.47
CA ASP A 442 -4.45 -4.74 -28.76
C ASP A 442 -3.33 -3.72 -28.97
N VAL A 443 -2.10 -4.14 -28.69
CA VAL A 443 -0.91 -3.43 -29.15
C VAL A 443 0.00 -4.45 -29.83
N PRO A 444 0.90 -4.00 -30.70
CA PRO A 444 1.86 -4.95 -31.29
C PRO A 444 2.76 -5.57 -30.25
N ALA A 445 3.30 -4.76 -29.33
CA ALA A 445 4.14 -5.26 -28.26
C ALA A 445 4.15 -4.25 -27.12
N ALA A 446 4.46 -4.74 -25.92
CA ALA A 446 4.55 -3.90 -24.75
C ALA A 446 5.71 -4.37 -23.88
N LEU A 447 6.60 -3.44 -23.53
CA LEU A 447 7.70 -3.73 -22.62
C LEU A 447 7.24 -3.42 -21.19
N LEU A 448 7.27 -4.42 -20.33
CA LEU A 448 6.77 -4.31 -18.97
C LEU A 448 7.93 -4.32 -17.99
N ARG A 449 7.96 -3.35 -17.08
CA ARG A 449 8.93 -3.37 -16.00
C ARG A 449 8.59 -4.50 -15.02
N PRO A 450 9.53 -4.87 -14.15
CA PRO A 450 9.24 -5.93 -13.17
C PRO A 450 8.09 -5.62 -12.23
N ASP A 451 7.64 -4.37 -12.12
CA ASP A 451 6.45 -4.06 -11.34
C ASP A 451 5.17 -4.08 -12.16
N GLY A 452 5.25 -4.53 -13.41
CA GLY A 452 4.09 -4.63 -14.26
C GLY A 452 3.71 -3.36 -14.99
N HIS A 453 4.43 -2.26 -14.77
CA HIS A 453 4.11 -1.00 -15.41
C HIS A 453 4.71 -0.94 -16.81
N VAL A 454 3.92 -0.46 -17.76
CA VAL A 454 4.31 -0.48 -19.17
C VAL A 454 5.36 0.61 -19.42
N ALA A 455 6.51 0.21 -19.95
CA ALA A 455 7.58 1.14 -20.25
C ALA A 455 7.63 1.54 -21.72
N TRP A 456 7.08 0.73 -22.62
CA TRP A 456 7.18 0.98 -24.05
C TRP A 456 6.12 0.18 -24.78
N VAL A 457 5.58 0.77 -25.84
CA VAL A 457 4.59 0.13 -26.71
C VAL A 457 4.96 0.47 -28.15
N GLY A 458 4.96 -0.53 -29.03
CA GLY A 458 5.29 -0.28 -30.43
C GLY A 458 5.49 -1.58 -31.17
N GLU A 459 6.20 -1.49 -32.30
CA GLU A 459 6.43 -2.64 -33.16
C GLU A 459 7.80 -2.60 -33.81
N ASP A 460 8.50 -1.47 -33.71
CA ASP A 460 9.82 -1.32 -34.30
C ASP A 460 10.88 -1.85 -33.33
N GLN A 461 11.77 -2.71 -33.84
CA GLN A 461 12.85 -3.24 -33.01
C GLN A 461 13.79 -2.12 -32.55
N ASP A 462 14.18 -1.25 -33.48
CA ASP A 462 15.11 -0.18 -33.12
CA ASP A 462 15.11 -0.16 -33.14
C ASP A 462 14.49 0.79 -32.12
N ASP A 463 13.17 0.98 -32.19
CA ASP A 463 12.51 1.82 -31.19
C ASP A 463 12.52 1.14 -29.82
N LEU A 464 12.38 -0.19 -29.80
CA LEU A 464 12.42 -0.93 -28.55
C LEU A 464 13.82 -0.90 -27.94
N LEU A 465 14.86 -1.01 -28.78
CA LEU A 465 16.22 -1.04 -28.25
C LEU A 465 16.60 0.27 -27.59
N ALA A 466 16.05 1.40 -28.05
CA ALA A 466 16.36 2.68 -27.44
C ALA A 466 15.67 2.86 -26.09
N HIS A 467 14.58 2.14 -25.84
CA HIS A 467 13.85 2.25 -24.58
C HIS A 467 14.30 1.25 -23.53
N LEU A 468 15.01 0.19 -23.94
CA LEU A 468 15.45 -0.82 -22.98
C LEU A 468 16.43 -0.28 -21.94
N PRO A 469 17.46 0.50 -22.29
CA PRO A 469 18.47 0.85 -21.27
C PRO A 469 17.94 1.65 -20.09
N ARG A 470 16.86 2.40 -20.25
CA ARG A 470 16.40 3.27 -19.16
C ARG A 470 16.01 2.45 -17.93
N TRP A 471 15.37 1.30 -18.14
CA TRP A 471 14.89 0.49 -17.03
C TRP A 471 15.67 -0.80 -16.83
N PHE A 472 16.48 -1.21 -17.80
CA PHE A 472 17.21 -2.46 -17.70
C PHE A 472 18.70 -2.33 -17.96
N GLY A 473 19.22 -1.11 -18.03
CA GLY A 473 20.65 -0.91 -18.10
C GLY A 473 21.27 -1.30 -19.43
N ALA A 474 22.61 -1.33 -19.42
CA ALA A 474 23.37 -1.60 -20.63
C ALA A 474 23.24 -3.06 -21.04
N ALA A 475 23.30 -3.29 -22.35
CA ALA A 475 23.27 -4.64 -22.88
C ALA A 475 24.52 -5.40 -22.45
N THR A 476 24.35 -6.70 -22.22
CA THR A 476 25.46 -7.57 -21.88
C THR A 476 25.49 -8.76 -22.83
#